data_5KVG
#
_entry.id   5KVG
#
_cell.length_a   73.110
_cell.length_b   82.930
_cell.length_c   93.260
_cell.angle_alpha   90.000
_cell.angle_beta   90.000
_cell.angle_gamma   90.000
#
_symmetry.space_group_name_H-M   'P 21 21 21'
#
loop_
_entity.id
_entity.type
_entity.pdbx_description
1 polymer 'ZIKA Envelope DIII'
2 polymer 'ZV-67 Antibody Fab Light Chain'
3 polymer 'ZV-67 Antibody Fab Heavy Chain'
4 non-polymer 'CHLORIDE ION'
5 water water
#
loop_
_entity_poly.entity_id
_entity_poly.type
_entity_poly.pdbx_seq_one_letter_code
_entity_poly.pdbx_strand_id
1 'polypeptide(L)'
;MRLKGVSYSLCTAAFTFTKIPAETLHGTVTVEVQYAGTDGPCKVPAQMAVDMQTLTPVGRLITANPVITESTENSKMMLE
LDPPFGDSYIVIGVGEKKITHHWHRSGSTI
;
E
2 'polypeptide(L)'
;DIVMTQSQKFMSTSVGDRVSITCKASQNVGTAVAWYQQKPGQSPKLLIYSASNRYTGVPDRFTGSGSGTDFTLTISNMQS
EDLADYFCQQFSSYPYTFGGGTKLEIKRADAAPTVSIFPPSSEQLTSGGASVVCFLNNFYPKDINVKWKIDGSERQNGVL
NSWTDQDSKDSTYSMSSTLTLTKDEYERHNSYTCEATHKTSTSPIVKSFNRNEC
;
L
3 'polypeptide(L)'
;(PCA)AQLQQSGTGLARPGASVKLSCKASGYTFTSYGISWVTQRAGQGLEWIGVIYPRSGNTYYNEKFRGKATLTADKSS
SSAYMELRGLTAEDSAVYFCARENYGSVYWGQGTTLTVSSAKTTAPSVYPLAPVCGGTTGSSVTLGCLVKGYFPEPVTLT
WNSGSLSSGVHTFPALLQSGLYTLSSSVTVTSNTWPSQTITCNVAHPASSTKVDKKIEPRVPI
;
H
#
loop_
_chem_comp.id
_chem_comp.type
_chem_comp.name
_chem_comp.formula
CL non-polymer 'CHLORIDE ION' 'Cl -1'
#
# COMPACT_ATOMS: atom_id res chain seq x y z
N MET A 1 -27.89 34.71 9.67
CA MET A 1 -29.04 33.83 9.84
C MET A 1 -30.00 33.95 8.66
N ARG A 2 -30.56 32.80 8.25
CA ARG A 2 -31.49 32.75 7.14
C ARG A 2 -32.70 33.64 7.41
N LEU A 3 -33.37 34.03 6.32
CA LEU A 3 -34.56 34.86 6.41
C LEU A 3 -35.81 34.01 6.66
N LYS A 4 -36.91 34.69 6.96
CA LYS A 4 -38.16 34.02 7.29
C LYS A 4 -38.71 33.28 6.08
N GLY A 5 -39.13 32.03 6.30
CA GLY A 5 -39.70 31.22 5.24
C GLY A 5 -38.72 30.43 4.41
N VAL A 6 -37.44 30.38 4.81
CA VAL A 6 -36.41 29.68 4.06
C VAL A 6 -36.11 28.36 4.75
N SER A 7 -36.16 27.27 3.99
CA SER A 7 -35.69 26.00 4.49
C SER A 7 -34.23 25.80 4.07
N TYR A 8 -33.48 25.10 4.90
CA TYR A 8 -32.13 24.70 4.51
C TYR A 8 -32.20 23.54 3.54
N SER A 9 -31.13 23.36 2.78
CA SER A 9 -31.02 22.17 1.95
C SER A 9 -30.56 20.99 2.81
N LEU A 10 -30.75 19.78 2.29
CA LEU A 10 -30.26 18.60 2.99
C LEU A 10 -28.74 18.63 3.11
N CYS A 11 -28.24 18.23 4.27
CA CYS A 11 -26.80 18.02 4.42
C CYS A 11 -26.33 17.01 3.38
N THR A 12 -25.19 17.31 2.75
CA THR A 12 -24.66 16.44 1.70
C THR A 12 -23.54 15.52 2.17
N ALA A 13 -22.89 15.83 3.29
CA ALA A 13 -21.72 15.07 3.72
C ALA A 13 -22.12 13.93 4.63
N ALA A 14 -21.11 13.23 5.16
CA ALA A 14 -21.31 12.02 5.95
C ALA A 14 -21.63 12.29 7.41
N PHE A 15 -22.50 11.46 7.96
CA PHE A 15 -22.77 11.39 9.40
C PHE A 15 -22.20 10.11 9.99
N THR A 16 -21.94 10.16 11.29
CA THR A 16 -21.57 8.99 12.08
C THR A 16 -22.28 9.08 13.42
N PHE A 17 -22.80 7.95 13.91
CA PHE A 17 -23.35 7.90 15.26
C PHE A 17 -22.22 8.09 16.27
N THR A 18 -22.38 9.04 17.20
CA THR A 18 -21.31 9.28 18.16
C THR A 18 -21.28 8.24 19.26
N LYS A 19 -22.34 7.45 19.38
CA LYS A 19 -22.53 6.47 20.45
C LYS A 19 -23.78 5.71 20.06
N ILE A 20 -24.05 4.64 20.78
CA ILE A 20 -25.17 3.77 20.38
C ILE A 20 -26.49 4.50 20.59
N PRO A 21 -27.42 4.43 19.64
CA PRO A 21 -28.76 4.97 19.90
C PRO A 21 -29.33 4.38 21.17
N ALA A 22 -30.05 5.20 21.93
CA ALA A 22 -30.48 4.87 23.27
C ALA A 22 -31.99 4.91 23.39
N GLU A 23 -32.57 3.86 23.98
CA GLU A 23 -34.00 3.81 24.18
C GLU A 23 -34.38 4.66 25.37
N THR A 24 -35.47 5.41 25.23
CA THR A 24 -36.00 6.20 26.33
C THR A 24 -36.99 5.36 27.13
N LEU A 25 -37.49 5.94 28.23
CA LEU A 25 -38.34 5.19 29.14
C LEU A 25 -39.60 4.69 28.44
N HIS A 26 -40.16 5.50 27.53
CA HIS A 26 -41.41 5.15 26.85
C HIS A 26 -41.20 4.61 25.43
N GLY A 27 -39.98 4.17 25.11
CA GLY A 27 -39.78 3.38 23.91
C GLY A 27 -39.35 4.14 22.67
N THR A 28 -39.20 5.46 22.75
CA THR A 28 -38.57 6.14 21.62
C THR A 28 -37.07 5.91 21.66
N VAL A 29 -36.37 6.40 20.64
CA VAL A 29 -34.92 6.23 20.56
C VAL A 29 -34.28 7.57 20.29
N THR A 30 -33.26 7.91 21.06
CA THR A 30 -32.51 9.13 20.86
C THR A 30 -31.17 8.80 20.19
N VAL A 31 -30.73 9.71 19.34
CA VAL A 31 -29.56 9.51 18.49
C VAL A 31 -28.72 10.77 18.57
N GLU A 32 -27.40 10.60 18.61
CA GLU A 32 -26.49 11.72 18.43
C GLU A 32 -25.58 11.40 17.26
N VAL A 33 -25.41 12.37 16.35
CA VAL A 33 -24.58 12.17 15.18
C VAL A 33 -23.56 13.30 15.08
N GLN A 34 -22.45 12.99 14.44
CA GLN A 34 -21.42 13.96 14.10
C GLN A 34 -21.34 14.03 12.58
N TYR A 35 -21.02 15.21 12.07
CA TYR A 35 -21.17 15.52 10.65
C TYR A 35 -19.85 16.01 10.07
N ALA A 36 -19.39 15.34 9.00
CA ALA A 36 -18.06 15.61 8.46
C ALA A 36 -17.99 16.91 7.66
N GLY A 37 -19.14 17.44 7.19
CA GLY A 37 -19.11 18.48 6.20
C GLY A 37 -19.06 19.89 6.75
N THR A 38 -18.83 20.82 5.82
CA THR A 38 -18.77 22.25 6.10
C THR A 38 -19.80 23.00 5.26
N ASP A 39 -20.88 22.32 4.85
CA ASP A 39 -21.96 22.98 4.13
C ASP A 39 -23.08 23.44 5.05
N GLY A 40 -22.90 23.30 6.36
CA GLY A 40 -23.93 23.71 7.30
C GLY A 40 -24.11 25.22 7.32
N PRO A 41 -25.25 25.69 7.83
CA PRO A 41 -26.34 24.88 8.38
C PRO A 41 -27.13 24.11 7.32
N CYS A 42 -27.62 22.94 7.67
CA CYS A 42 -28.29 22.09 6.71
C CYS A 42 -29.21 21.13 7.45
N LYS A 43 -30.16 20.56 6.72
CA LYS A 43 -31.16 19.67 7.30
C LYS A 43 -30.65 18.23 7.36
N VAL A 44 -30.83 17.57 8.50
CA VAL A 44 -30.39 16.20 8.70
C VAL A 44 -31.50 15.27 8.22
N PRO A 45 -31.26 14.43 7.20
CA PRO A 45 -32.24 13.41 6.84
C PRO A 45 -32.23 12.33 7.91
N ALA A 46 -33.42 11.96 8.40
CA ALA A 46 -33.52 10.99 9.48
C ALA A 46 -34.87 10.32 9.41
N GLN A 47 -34.89 8.99 9.45
CA GLN A 47 -36.13 8.24 9.41
C GLN A 47 -35.87 6.86 9.98
N MET A 48 -36.95 6.14 10.26
CA MET A 48 -36.90 4.71 10.46
C MET A 48 -37.30 4.04 9.16
N ALA A 49 -36.78 2.84 8.92
CA ALA A 49 -37.13 2.07 7.73
C ALA A 49 -37.18 0.60 8.10
N VAL A 50 -38.02 -0.14 7.38
CA VAL A 50 -37.99 -1.59 7.49
C VAL A 50 -37.45 -2.26 6.24
N ASP A 51 -37.44 -1.56 5.09
CA ASP A 51 -36.95 -2.08 3.82
C ASP A 51 -35.88 -1.13 3.32
N MET A 52 -34.63 -1.59 3.31
CA MET A 52 -33.51 -0.75 2.89
C MET A 52 -33.48 -0.50 1.38
N GLN A 53 -34.42 -1.05 0.62
CA GLN A 53 -34.49 -0.79 -0.82
C GLN A 53 -35.45 0.35 -1.14
N THR A 54 -36.65 0.31 -0.57
CA THR A 54 -37.61 1.38 -0.78
C THR A 54 -37.34 2.58 0.11
N LEU A 55 -36.69 2.36 1.26
CA LEU A 55 -36.53 3.39 2.29
C LEU A 55 -37.87 4.00 2.70
N THR A 56 -38.94 3.23 2.56
CA THR A 56 -40.26 3.69 2.94
C THR A 56 -40.27 3.99 4.43
N PRO A 57 -40.62 5.20 4.85
CA PRO A 57 -40.59 5.52 6.28
C PRO A 57 -41.60 4.68 7.06
N VAL A 58 -41.17 4.19 8.20
CA VAL A 58 -42.01 3.55 9.19
C VAL A 58 -41.78 4.28 10.50
N GLY A 59 -42.72 4.12 11.44
CA GLY A 59 -42.58 4.89 12.65
C GLY A 59 -42.62 6.37 12.35
N ARG A 60 -41.90 7.15 13.16
CA ARG A 60 -42.01 8.59 13.05
C ARG A 60 -40.71 9.24 13.51
N LEU A 61 -40.30 10.28 12.80
CA LEU A 61 -39.28 11.19 13.31
C LEU A 61 -39.97 12.19 14.26
N ILE A 62 -39.50 12.24 15.51
CA ILE A 62 -40.13 13.12 16.49
C ILE A 62 -39.58 14.54 16.38
N THR A 63 -38.27 14.67 16.24
CA THR A 63 -37.63 15.98 16.15
C THR A 63 -38.18 16.76 14.97
N ALA A 64 -38.70 17.95 15.24
CA ALA A 64 -39.13 18.82 14.17
C ALA A 64 -37.92 19.55 13.61
N ASN A 65 -37.75 19.49 12.30
CA ASN A 65 -36.68 20.19 11.59
C ASN A 65 -35.28 19.93 12.19
N PRO A 66 -34.84 18.68 12.19
CA PRO A 66 -33.47 18.41 12.65
C PRO A 66 -32.45 19.06 11.74
N VAL A 67 -31.53 19.83 12.33
CA VAL A 67 -30.54 20.56 11.56
C VAL A 67 -29.15 20.41 12.18
N ILE A 68 -28.14 20.45 11.31
CA ILE A 68 -26.79 20.81 11.69
C ILE A 68 -26.74 22.34 11.65
N THR A 69 -26.38 22.96 12.77
CA THR A 69 -26.42 24.42 12.86
C THR A 69 -25.10 25.07 12.47
N GLU A 70 -23.99 24.33 12.52
CA GLU A 70 -22.66 24.90 12.38
C GLU A 70 -22.17 24.74 10.95
N SER A 71 -21.39 25.72 10.48
CA SER A 71 -20.71 25.63 9.21
C SER A 71 -19.34 24.97 9.35
N THR A 72 -18.92 24.67 10.57
CA THR A 72 -17.63 24.07 10.82
C THR A 72 -17.73 22.55 10.88
N GLU A 73 -16.60 21.92 10.57
CA GLU A 73 -16.45 20.48 10.50
C GLU A 73 -16.74 19.79 11.84
N ASN A 74 -17.29 18.57 11.75
CA ASN A 74 -17.39 17.65 12.87
C ASN A 74 -18.33 18.13 13.97
N SER A 75 -19.32 18.93 13.60
CA SER A 75 -20.32 19.33 14.58
C SER A 75 -21.29 18.18 14.84
N LYS A 76 -22.04 18.30 15.93
CA LYS A 76 -22.94 17.26 16.39
C LYS A 76 -24.36 17.80 16.52
N MET A 77 -25.30 16.87 16.46
CA MET A 77 -26.70 17.19 16.72
C MET A 77 -27.39 15.93 17.24
N MET A 78 -28.54 16.15 17.88
CA MET A 78 -29.32 15.08 18.47
C MET A 78 -30.70 15.03 17.83
N LEU A 79 -31.24 13.83 17.70
CA LEU A 79 -32.64 13.74 17.30
C LEU A 79 -33.28 12.52 17.95
N GLU A 80 -34.61 12.44 17.82
CA GLU A 80 -35.41 11.41 18.48
C GLU A 80 -36.39 10.83 17.46
N LEU A 81 -36.51 9.50 17.46
CA LEU A 81 -37.43 8.79 16.58
C LEU A 81 -38.32 7.88 17.40
N ASP A 82 -39.45 7.51 16.80
CA ASP A 82 -40.44 6.64 17.42
C ASP A 82 -40.51 5.37 16.59
N PRO A 83 -39.81 4.30 16.96
CA PRO A 83 -39.74 3.11 16.09
C PRO A 83 -41.01 2.28 16.16
N PRO A 84 -41.30 1.52 15.12
CA PRO A 84 -42.37 0.52 15.23
C PRO A 84 -41.96 -0.57 16.20
N PHE A 85 -42.94 -1.36 16.64
CA PHE A 85 -42.62 -2.54 17.41
C PHE A 85 -41.91 -3.55 16.51
N GLY A 86 -40.99 -4.29 17.11
CA GLY A 86 -40.21 -5.26 16.37
C GLY A 86 -38.94 -4.65 15.82
N ASP A 87 -38.50 -5.13 14.66
CA ASP A 87 -37.22 -4.75 14.09
C ASP A 87 -37.41 -3.60 13.10
N SER A 88 -36.42 -2.71 13.04
CA SER A 88 -36.40 -1.65 12.04
C SER A 88 -34.97 -1.12 11.96
N TYR A 89 -34.75 -0.16 11.06
CA TYR A 89 -33.45 0.49 10.91
C TYR A 89 -33.60 1.98 11.18
N ILE A 90 -32.69 2.52 11.99
CA ILE A 90 -32.51 3.97 12.07
C ILE A 90 -31.62 4.35 10.89
N VAL A 91 -32.09 5.28 10.05
CA VAL A 91 -31.37 5.66 8.84
C VAL A 91 -31.10 7.18 8.90
N ILE A 92 -29.82 7.56 8.93
CA ILE A 92 -29.42 8.96 8.97
C ILE A 92 -28.71 9.30 7.67
N GLY A 93 -29.09 10.42 7.06
CA GLY A 93 -28.50 10.85 5.82
C GLY A 93 -29.24 10.31 4.61
N VAL A 94 -28.97 10.93 3.47
CA VAL A 94 -29.45 10.43 2.19
C VAL A 94 -28.27 10.37 1.22
N GLY A 95 -28.30 9.36 0.36
CA GLY A 95 -27.26 9.21 -0.62
C GLY A 95 -26.21 8.20 -0.23
N GLU A 96 -25.01 8.36 -0.78
CA GLU A 96 -24.02 7.30 -0.77
C GLU A 96 -23.30 7.14 0.56
N LYS A 97 -23.55 8.02 1.52
CA LYS A 97 -22.95 7.90 2.84
C LYS A 97 -23.98 7.74 3.95
N LYS A 98 -25.22 7.40 3.62
CA LYS A 98 -26.22 7.19 4.66
C LYS A 98 -25.78 6.06 5.60
N ILE A 99 -26.12 6.21 6.87
CA ILE A 99 -25.75 5.23 7.89
C ILE A 99 -27.01 4.58 8.45
N THR A 100 -26.89 3.32 8.85
CA THR A 100 -28.01 2.59 9.44
C THR A 100 -27.59 1.91 10.72
N HIS A 101 -28.57 1.79 11.63
CA HIS A 101 -28.39 1.04 12.87
C HIS A 101 -29.63 0.19 13.06
N HIS A 102 -29.45 -1.12 13.21
CA HIS A 102 -30.58 -2.01 13.41
C HIS A 102 -31.14 -1.82 14.82
N TRP A 103 -32.46 -1.73 14.92
CA TRP A 103 -33.13 -1.45 16.18
C TRP A 103 -34.20 -2.49 16.43
N HIS A 104 -34.39 -2.84 17.70
CA HIS A 104 -35.48 -3.71 18.09
C HIS A 104 -36.25 -3.04 19.23
N ARG A 105 -37.56 -2.93 19.06
CA ARG A 105 -38.43 -2.36 20.10
C ARG A 105 -39.31 -3.46 20.64
N SER A 106 -39.17 -3.75 21.94
CA SER A 106 -39.94 -4.80 22.58
C SER A 106 -41.36 -4.31 22.92
N GLY A 107 -42.21 -5.24 23.31
CA GLY A 107 -43.54 -4.91 23.76
C GLY A 107 -43.57 -4.47 25.22
N ASP B 1 -2.81 10.75 20.51
CA ASP B 1 -3.35 10.33 19.22
C ASP B 1 -3.74 8.87 19.25
N ILE B 2 -4.69 8.51 18.42
CA ILE B 2 -5.21 7.14 18.43
C ILE B 2 -4.37 6.26 17.53
N VAL B 3 -4.05 5.07 18.02
CA VAL B 3 -3.32 4.07 17.25
C VAL B 3 -4.32 3.01 16.79
N MET B 4 -4.31 2.71 15.50
CA MET B 4 -5.12 1.65 14.92
C MET B 4 -4.17 0.52 14.58
N THR B 5 -4.34 -0.62 15.23
CA THR B 5 -3.42 -1.73 15.07
C THR B 5 -4.08 -2.82 14.24
N GLN B 6 -3.46 -3.13 13.10
CA GLN B 6 -3.72 -4.32 12.29
C GLN B 6 -2.56 -5.25 12.56
N SER B 7 -2.75 -6.21 13.46
CA SER B 7 -1.63 -7.07 13.85
C SER B 7 -1.20 -8.05 12.76
N GLN B 8 -2.08 -8.44 11.83
CA GLN B 8 -1.70 -9.35 10.75
C GLN B 8 -1.32 -8.53 9.52
N LYS B 9 -0.02 -8.38 9.29
CA LYS B 9 0.45 -7.61 8.14
C LYS B 9 0.30 -8.39 6.84
N PHE B 10 0.35 -9.72 6.91
CA PHE B 10 0.23 -10.56 5.73
C PHE B 10 -0.73 -11.71 6.02
N MET B 11 -1.62 -11.98 5.08
CA MET B 11 -2.53 -13.10 5.18
C MET B 11 -2.51 -13.87 3.87
N SER B 12 -2.44 -15.19 3.96
CA SER B 12 -2.52 -16.07 2.81
C SER B 12 -3.89 -16.70 2.80
N THR B 13 -4.57 -16.68 1.66
CA THR B 13 -5.94 -17.13 1.57
C THR B 13 -6.15 -17.91 0.29
N SER B 14 -7.11 -18.81 0.31
CA SER B 14 -7.57 -19.47 -0.91
C SER B 14 -8.84 -18.82 -1.41
N VAL B 15 -9.02 -18.86 -2.73
CA VAL B 15 -10.29 -18.45 -3.31
C VAL B 15 -11.40 -19.23 -2.63
N GLY B 16 -12.46 -18.53 -2.22
CA GLY B 16 -13.57 -19.09 -1.50
C GLY B 16 -13.48 -18.99 0.02
N ASP B 17 -12.32 -18.64 0.56
CA ASP B 17 -12.19 -18.53 2.01
C ASP B 17 -12.97 -17.35 2.55
N ARG B 18 -13.35 -17.46 3.83
CA ARG B 18 -13.82 -16.35 4.64
C ARG B 18 -12.60 -15.66 5.21
N VAL B 19 -12.34 -14.42 4.79
CA VAL B 19 -11.17 -13.67 5.24
C VAL B 19 -11.61 -12.71 6.33
N SER B 20 -10.91 -12.71 7.45
CA SER B 20 -11.20 -11.85 8.59
C SER B 20 -10.01 -10.94 8.84
N ILE B 21 -10.20 -9.64 8.68
CA ILE B 21 -9.15 -8.65 8.92
C ILE B 21 -9.55 -7.82 10.12
N THR B 22 -8.67 -7.76 11.11
CA THR B 22 -8.97 -7.17 12.41
C THR B 22 -8.26 -5.83 12.55
N CYS B 23 -8.94 -4.87 13.16
CA CYS B 23 -8.38 -3.55 13.44
CA CYS B 23 -8.38 -3.56 13.47
C CYS B 23 -8.76 -3.20 14.88
N LYS B 24 -7.76 -2.88 15.70
CA LYS B 24 -7.95 -2.58 17.12
C LYS B 24 -7.54 -1.14 17.38
N ALA B 25 -8.47 -0.34 17.90
CA ALA B 25 -8.21 1.05 18.25
C ALA B 25 -7.68 1.16 19.67
N SER B 26 -6.73 2.06 19.88
CA SER B 26 -6.10 2.21 21.19
C SER B 26 -7.03 2.87 22.21
N GLN B 27 -8.13 3.47 21.75
CA GLN B 27 -9.17 3.96 22.64
C GLN B 27 -10.48 3.87 21.88
N ASN B 28 -11.58 4.07 22.60
CA ASN B 28 -12.90 3.88 22.02
C ASN B 28 -13.14 4.92 20.92
N VAL B 29 -13.44 4.44 19.72
CA VAL B 29 -13.73 5.28 18.57
C VAL B 29 -15.17 5.13 18.09
N GLY B 30 -16.02 4.47 18.87
CA GLY B 30 -17.42 4.32 18.51
C GLY B 30 -17.59 3.46 17.28
N THR B 31 -18.22 4.03 16.24
CA THR B 31 -18.30 3.39 14.93
C THR B 31 -17.59 4.19 13.85
N ALA B 32 -16.68 5.07 14.22
CA ALA B 32 -16.05 5.99 13.27
C ALA B 32 -14.84 5.34 12.58
N VAL B 33 -15.09 4.28 11.81
CA VAL B 33 -14.02 3.50 11.18
C VAL B 33 -14.37 3.24 9.72
N ALA B 34 -13.41 3.46 8.82
CA ALA B 34 -13.55 3.11 7.41
C ALA B 34 -12.58 2.00 7.07
N TRP B 35 -12.91 1.25 6.02
CA TRP B 35 -12.01 0.25 5.46
C TRP B 35 -11.81 0.54 3.98
N TYR B 36 -10.55 0.43 3.54
CA TYR B 36 -10.17 0.61 2.14
C TYR B 36 -9.42 -0.62 1.64
N GLN B 37 -9.45 -0.81 0.32
CA GLN B 37 -8.51 -1.70 -0.35
C GLN B 37 -7.67 -0.90 -1.32
N GLN B 38 -6.43 -1.33 -1.55
CA GLN B 38 -5.56 -0.62 -2.46
C GLN B 38 -4.76 -1.62 -3.27
N LYS B 39 -4.68 -1.38 -4.57
CA LYS B 39 -3.85 -2.19 -5.45
C LYS B 39 -2.67 -1.38 -5.93
N PRO B 40 -1.57 -2.03 -6.35
CA PRO B 40 -0.34 -1.29 -6.69
C PRO B 40 -0.58 -0.25 -7.77
N GLY B 41 0.01 0.93 -7.56
CA GLY B 41 -0.10 2.02 -8.51
C GLY B 41 -1.39 2.80 -8.46
N GLN B 42 -2.31 2.44 -7.57
CA GLN B 42 -3.60 3.12 -7.51
C GLN B 42 -3.79 3.75 -6.15
N SER B 43 -4.68 4.73 -6.10
CA SER B 43 -5.13 5.24 -4.82
C SER B 43 -6.03 4.19 -4.14
N PRO B 44 -6.15 4.24 -2.83
CA PRO B 44 -7.07 3.34 -2.15
C PRO B 44 -8.51 3.60 -2.58
N LYS B 45 -9.33 2.58 -2.44
CA LYS B 45 -10.76 2.63 -2.74
C LYS B 45 -11.54 2.31 -1.47
N LEU B 46 -12.58 3.10 -1.20
CA LEU B 46 -13.38 2.89 0.00
C LEU B 46 -14.26 1.65 -0.14
N LEU B 47 -14.25 0.79 0.89
CA LEU B 47 -15.11 -0.37 0.95
C LEU B 47 -16.26 -0.20 1.94
N ILE B 48 -15.94 0.21 3.17
CA ILE B 48 -16.89 0.28 4.28
C ILE B 48 -16.69 1.62 4.95
N TYR B 49 -17.78 2.23 5.39
CA TYR B 49 -17.70 3.49 6.12
C TYR B 49 -18.53 3.40 7.39
N SER B 50 -18.10 4.15 8.40
CA SER B 50 -18.72 4.17 9.71
C SER B 50 -19.00 2.75 10.21
N ALA B 51 -17.95 1.92 10.14
CA ALA B 51 -17.84 0.59 10.72
C ALA B 51 -18.57 -0.49 9.94
N SER B 52 -19.81 -0.22 9.50
CA SER B 52 -20.68 -1.32 9.08
C SER B 52 -21.47 -1.03 7.82
N ASN B 53 -21.20 0.08 7.12
CA ASN B 53 -21.98 0.46 5.95
C ASN B 53 -21.16 0.18 4.70
N ARG B 54 -21.68 -0.63 3.80
CA ARG B 54 -20.97 -0.96 2.57
C ARG B 54 -21.17 0.13 1.52
N TYR B 55 -20.07 0.59 0.92
CA TYR B 55 -20.18 1.65 -0.07
C TYR B 55 -20.74 1.10 -1.38
N THR B 56 -21.43 1.97 -2.13
CA THR B 56 -22.06 1.55 -3.37
C THR B 56 -21.04 0.99 -4.36
N GLY B 57 -21.42 -0.07 -5.07
CA GLY B 57 -20.57 -0.70 -6.03
C GLY B 57 -19.65 -1.77 -5.45
N VAL B 58 -19.44 -1.75 -4.15
CA VAL B 58 -18.59 -2.76 -3.51
C VAL B 58 -19.34 -4.09 -3.48
N PRO B 59 -18.72 -5.21 -3.83
CA PRO B 59 -19.41 -6.50 -3.80
C PRO B 59 -19.94 -6.82 -2.41
N ASP B 60 -21.09 -7.51 -2.36
CA ASP B 60 -21.68 -7.86 -1.07
C ASP B 60 -20.85 -8.88 -0.30
N ARG B 61 -19.79 -9.42 -0.90
CA ARG B 61 -18.82 -10.25 -0.19
C ARG B 61 -18.14 -9.50 0.95
N PHE B 62 -18.08 -8.16 0.91
CA PHE B 62 -17.39 -7.36 1.91
C PHE B 62 -18.38 -6.87 2.96
N THR B 63 -18.10 -7.16 4.24
CA THR B 63 -18.93 -6.64 5.33
C THR B 63 -18.04 -6.15 6.46
N GLY B 64 -18.30 -4.94 6.94
CA GLY B 64 -17.64 -4.43 8.13
C GLY B 64 -18.52 -4.62 9.35
N SER B 65 -17.88 -4.89 10.49
CA SER B 65 -18.60 -5.02 11.76
C SER B 65 -17.74 -4.51 12.90
N GLY B 66 -18.36 -4.34 14.06
CA GLY B 66 -17.64 -3.95 15.25
C GLY B 66 -18.01 -2.54 15.70
N SER B 67 -17.63 -2.25 16.95
CA SER B 67 -17.81 -0.92 17.53
C SER B 67 -16.94 -0.83 18.77
N GLY B 68 -16.66 0.39 19.19
CA GLY B 68 -15.83 0.61 20.35
C GLY B 68 -14.36 0.60 20.00
N THR B 69 -13.66 -0.50 20.27
CA THR B 69 -12.25 -0.62 19.91
C THR B 69 -11.96 -1.71 18.90
N ASP B 70 -12.89 -2.63 18.66
CA ASP B 70 -12.61 -3.84 17.88
C ASP B 70 -13.43 -3.84 16.60
N PHE B 71 -12.75 -3.84 15.46
CA PHE B 71 -13.41 -3.78 14.16
C PHE B 71 -12.92 -4.91 13.27
N THR B 72 -13.82 -5.40 12.43
CA THR B 72 -13.52 -6.54 11.57
C THR B 72 -14.05 -6.25 10.17
N LEU B 73 -13.21 -6.48 9.17
CA LEU B 73 -13.66 -6.57 7.78
C LEU B 73 -13.68 -8.06 7.43
N THR B 74 -14.83 -8.53 6.98
CA THR B 74 -14.97 -9.92 6.53
C THR B 74 -15.15 -9.93 5.03
N ILE B 75 -14.36 -10.74 4.34
CA ILE B 75 -14.56 -11.02 2.93
C ILE B 75 -15.05 -12.44 2.85
N SER B 76 -16.33 -12.63 2.52
CA SER B 76 -16.82 -13.97 2.27
C SER B 76 -16.51 -14.36 0.82
N ASN B 77 -16.33 -15.67 0.61
CA ASN B 77 -16.11 -16.21 -0.72
C ASN B 77 -15.05 -15.42 -1.49
N MET B 78 -13.86 -15.32 -0.88
CA MET B 78 -12.83 -14.44 -1.44
C MET B 78 -12.52 -14.80 -2.89
N GLN B 79 -12.40 -13.78 -3.73
CA GLN B 79 -12.06 -13.95 -5.13
C GLN B 79 -10.67 -13.41 -5.40
N SER B 80 -10.09 -13.81 -6.54
CA SER B 80 -8.71 -13.41 -6.81
C SER B 80 -8.57 -11.90 -6.95
N GLU B 81 -9.61 -11.23 -7.43
CA GLU B 81 -9.54 -9.77 -7.53
C GLU B 81 -9.51 -9.10 -6.16
N ASP B 82 -9.73 -9.84 -5.07
CA ASP B 82 -9.71 -9.25 -3.74
C ASP B 82 -8.31 -9.20 -3.16
N LEU B 83 -7.33 -9.76 -3.87
CA LEU B 83 -5.95 -9.67 -3.41
C LEU B 83 -5.50 -8.23 -3.52
N ALA B 84 -5.03 -7.68 -2.41
CA ALA B 84 -4.82 -6.24 -2.28
C ALA B 84 -4.31 -5.98 -0.88
N ASP B 85 -3.97 -4.72 -0.64
CA ASP B 85 -3.71 -4.22 0.70
C ASP B 85 -4.99 -3.63 1.27
N TYR B 86 -5.26 -3.93 2.53
CA TYR B 86 -6.45 -3.48 3.22
C TYR B 86 -6.04 -2.60 4.41
N PHE B 87 -6.73 -1.47 4.58
CA PHE B 87 -6.43 -0.53 5.65
C PHE B 87 -7.71 -0.11 6.34
N CYS B 88 -7.65 -0.01 7.66
CA CYS B 88 -8.69 0.69 8.40
C CYS B 88 -8.22 2.12 8.69
N GLN B 89 -9.18 2.98 9.06
CA GLN B 89 -8.89 4.36 9.39
C GLN B 89 -9.96 4.83 10.37
N GLN B 90 -9.58 5.64 11.35
CA GLN B 90 -10.55 6.16 12.30
C GLN B 90 -10.78 7.67 12.10
N PHE B 91 -12.00 8.08 12.43
CA PHE B 91 -12.45 9.46 12.28
C PHE B 91 -13.04 10.01 13.57
N SER B 92 -12.64 9.44 14.71
CA SER B 92 -13.11 9.90 16.00
C SER B 92 -12.49 11.24 16.37
N SER B 93 -11.21 11.43 16.05
CA SER B 93 -10.53 12.67 16.37
C SER B 93 -9.26 12.76 15.53
N TYR B 94 -8.75 13.97 15.37
CA TYR B 94 -7.53 14.16 14.61
C TYR B 94 -6.34 13.71 15.45
N PRO B 95 -5.31 13.12 14.79
CA PRO B 95 -5.24 12.82 13.37
C PRO B 95 -6.04 11.57 13.00
N TYR B 96 -6.56 11.54 11.77
CA TYR B 96 -7.40 10.44 11.28
C TYR B 96 -6.50 9.27 10.87
N THR B 97 -6.00 8.56 11.88
CA THR B 97 -4.93 7.58 11.69
C THR B 97 -5.42 6.31 10.98
N PHE B 98 -4.52 5.73 10.19
CA PHE B 98 -4.73 4.46 9.51
C PHE B 98 -4.12 3.32 10.33
N GLY B 99 -4.73 2.14 10.20
CA GLY B 99 -4.07 0.91 10.57
C GLY B 99 -2.85 0.65 9.69
N GLY B 100 -2.01 -0.29 10.13
CA GLY B 100 -0.76 -0.54 9.45
C GLY B 100 -0.87 -1.28 8.13
N GLY B 101 -2.04 -1.80 7.81
CA GLY B 101 -2.26 -2.53 6.57
C GLY B 101 -2.17 -4.04 6.71
N THR B 102 -3.00 -4.74 5.94
CA THR B 102 -2.93 -6.19 5.84
C THR B 102 -2.91 -6.51 4.35
N LYS B 103 -1.87 -7.21 3.91
CA LYS B 103 -1.72 -7.58 2.52
C LYS B 103 -2.25 -9.00 2.34
N LEU B 104 -3.26 -9.14 1.48
CA LEU B 104 -3.86 -10.43 1.20
C LEU B 104 -3.18 -11.02 -0.04
N GLU B 105 -2.64 -12.22 0.11
CA GLU B 105 -2.00 -12.97 -0.97
C GLU B 105 -2.66 -14.34 -1.08
N ILE B 106 -2.38 -15.06 -2.15
CA ILE B 106 -3.09 -16.29 -2.45
C ILE B 106 -2.26 -17.51 -2.06
N LYS B 107 -2.95 -18.53 -1.57
CA LYS B 107 -2.31 -19.79 -1.20
C LYS B 107 -2.22 -20.70 -2.41
N ARG B 108 -1.16 -21.51 -2.43
CA ARG B 108 -1.02 -22.62 -3.36
C ARG B 108 -0.25 -23.71 -2.63
N ALA B 109 -0.02 -24.84 -3.30
CA ALA B 109 0.76 -25.91 -2.67
C ALA B 109 2.18 -25.44 -2.39
N ASP B 110 2.75 -25.91 -1.28
CA ASP B 110 4.14 -25.59 -0.97
C ASP B 110 5.03 -25.99 -2.13
N ALA B 111 6.08 -25.20 -2.35
CA ALA B 111 7.06 -25.47 -3.39
C ALA B 111 8.43 -25.06 -2.89
N ALA B 112 9.40 -25.96 -3.00
CA ALA B 112 10.75 -25.66 -2.59
C ALA B 112 11.40 -24.68 -3.57
N PRO B 113 12.24 -23.77 -3.09
CA PRO B 113 12.96 -22.90 -4.01
C PRO B 113 13.98 -23.67 -4.81
N THR B 114 14.20 -23.21 -6.04
CA THR B 114 15.34 -23.65 -6.84
C THR B 114 16.45 -22.63 -6.59
N VAL B 115 17.58 -23.10 -6.05
CA VAL B 115 18.63 -22.21 -5.57
C VAL B 115 19.84 -22.34 -6.48
N SER B 116 20.40 -21.19 -6.88
CA SER B 116 21.57 -21.14 -7.74
C SER B 116 22.50 -20.07 -7.19
N ILE B 117 23.80 -20.36 -7.16
CA ILE B 117 24.79 -19.45 -6.60
C ILE B 117 25.73 -18.96 -7.71
N PHE B 118 26.10 -17.69 -7.64
CA PHE B 118 26.90 -17.03 -8.67
C PHE B 118 28.07 -16.30 -8.05
N PRO B 119 29.29 -16.73 -8.29
CA PRO B 119 30.45 -15.95 -7.86
C PRO B 119 30.46 -14.60 -8.55
N PRO B 120 31.22 -13.64 -8.03
CA PRO B 120 31.40 -12.37 -8.74
C PRO B 120 31.87 -12.61 -10.17
N SER B 121 31.38 -11.78 -11.07
CA SER B 121 31.86 -11.82 -12.44
C SER B 121 33.28 -11.26 -12.50
N SER B 122 34.03 -11.71 -13.51
CA SER B 122 35.36 -11.15 -13.71
C SER B 122 35.29 -9.64 -13.88
N GLU B 123 34.23 -9.15 -14.54
CA GLU B 123 34.10 -7.72 -14.77
C GLU B 123 33.90 -6.95 -13.47
N GLN B 124 33.08 -7.48 -12.56
CA GLN B 124 32.95 -6.81 -11.27
C GLN B 124 34.25 -6.82 -10.48
N LEU B 125 35.04 -7.89 -10.59
CA LEU B 125 36.28 -7.97 -9.82
C LEU B 125 37.36 -7.01 -10.29
N THR B 126 37.13 -6.25 -11.35
CA THR B 126 38.04 -5.15 -11.63
C THR B 126 37.78 -3.96 -10.71
N SER B 127 36.63 -3.94 -10.03
CA SER B 127 36.10 -2.76 -9.34
C SER B 127 36.52 -2.62 -7.90
N GLY B 128 37.07 -3.65 -7.27
CA GLY B 128 37.30 -3.54 -5.83
C GLY B 128 36.08 -3.86 -4.97
N GLY B 129 34.92 -4.07 -5.58
CA GLY B 129 33.79 -4.68 -4.89
C GLY B 129 33.51 -6.05 -5.48
N ALA B 130 32.87 -6.92 -4.70
CA ALA B 130 32.57 -8.28 -5.14
C ALA B 130 31.20 -8.66 -4.61
N SER B 131 30.30 -9.09 -5.49
CA SER B 131 28.98 -9.53 -5.07
C SER B 131 28.82 -11.00 -5.39
N VAL B 132 28.38 -11.76 -4.39
CA VAL B 132 28.02 -13.15 -4.57
C VAL B 132 26.50 -13.20 -4.53
N VAL B 133 25.89 -13.79 -5.55
CA VAL B 133 24.43 -13.76 -5.69
C VAL B 133 23.88 -15.16 -5.53
N CYS B 134 22.82 -15.30 -4.74
CA CYS B 134 22.00 -16.50 -4.76
C CYS B 134 20.60 -16.12 -5.23
N PHE B 135 20.10 -16.85 -6.22
CA PHE B 135 18.70 -16.76 -6.60
C PHE B 135 17.97 -17.93 -5.97
N LEU B 136 16.80 -17.64 -5.40
CA LEU B 136 15.95 -18.65 -4.78
C LEU B 136 14.60 -18.49 -5.47
N ASN B 137 14.30 -19.38 -6.41
CA ASN B 137 13.25 -19.11 -7.39
C ASN B 137 12.05 -20.04 -7.24
N ASN B 138 10.87 -19.45 -7.44
CA ASN B 138 9.61 -20.21 -7.61
C ASN B 138 9.24 -21.02 -6.38
N PHE B 139 9.21 -20.37 -5.21
CA PHE B 139 8.91 -21.07 -3.97
C PHE B 139 7.59 -20.59 -3.38
N TYR B 140 7.05 -21.41 -2.48
CA TYR B 140 5.86 -21.07 -1.72
C TYR B 140 5.90 -21.90 -0.43
N PRO B 141 5.58 -21.28 0.71
CA PRO B 141 5.15 -19.89 0.95
C PRO B 141 6.29 -18.88 0.93
N LYS B 142 5.94 -17.61 1.11
CA LYS B 142 6.92 -16.53 0.97
C LYS B 142 7.97 -16.56 2.08
N ASP B 143 7.62 -17.09 3.26
CA ASP B 143 8.55 -17.06 4.39
C ASP B 143 9.79 -17.90 4.07
N ILE B 144 10.95 -17.26 4.10
CA ILE B 144 12.20 -17.91 3.77
C ILE B 144 13.30 -17.11 4.44
N ASN B 145 14.37 -17.79 4.83
CA ASN B 145 15.50 -17.12 5.46
C ASN B 145 16.79 -17.59 4.81
N VAL B 146 17.67 -16.65 4.52
CA VAL B 146 18.95 -16.94 3.87
C VAL B 146 20.07 -16.59 4.84
N LYS B 147 20.99 -17.52 5.03
CA LYS B 147 22.17 -17.31 5.85
C LYS B 147 23.38 -17.48 4.95
N TRP B 148 24.27 -16.50 4.97
CA TRP B 148 25.49 -16.53 4.18
C TRP B 148 26.68 -16.89 5.07
N LYS B 149 27.60 -17.69 4.52
CA LYS B 149 28.85 -18.02 5.19
C LYS B 149 30.01 -17.82 4.25
N ILE B 150 31.13 -17.40 4.83
CA ILE B 150 32.41 -17.28 4.14
C ILE B 150 33.40 -18.11 4.94
N ASP B 151 33.96 -19.15 4.31
CA ASP B 151 34.90 -20.05 4.99
C ASP B 151 34.36 -20.49 6.35
N GLY B 152 33.07 -20.82 6.39
CA GLY B 152 32.43 -21.36 7.57
C GLY B 152 31.84 -20.34 8.52
N SER B 153 32.20 -19.07 8.39
CA SER B 153 31.79 -18.03 9.32
C SER B 153 30.61 -17.27 8.74
N GLU B 154 29.53 -17.16 9.52
CA GLU B 154 28.38 -16.40 9.04
C GLU B 154 28.74 -14.94 8.80
N ARG B 155 28.20 -14.38 7.72
CA ARG B 155 28.32 -12.96 7.41
C ARG B 155 26.92 -12.38 7.28
N GLN B 156 26.62 -11.37 8.10
CA GLN B 156 25.34 -10.68 8.04
C GLN B 156 25.42 -9.31 7.39
N ASN B 157 26.48 -8.56 7.64
CA ASN B 157 26.63 -7.25 7.02
C ASN B 157 26.87 -7.40 5.53
N GLY B 158 26.28 -6.52 4.74
CA GLY B 158 26.49 -6.53 3.31
C GLY B 158 25.57 -7.44 2.54
N VAL B 159 24.55 -8.00 3.18
CA VAL B 159 23.57 -8.86 2.52
C VAL B 159 22.35 -8.01 2.16
N LEU B 160 21.95 -8.07 0.89
CA LEU B 160 20.77 -7.37 0.40
C LEU B 160 19.82 -8.37 -0.25
N ASN B 161 18.59 -8.39 0.21
CA ASN B 161 17.59 -9.32 -0.28
C ASN B 161 16.49 -8.56 -1.01
N SER B 162 16.07 -9.09 -2.15
CA SER B 162 15.00 -8.49 -2.92
C SER B 162 14.04 -9.58 -3.38
N TRP B 163 12.74 -9.32 -3.24
CA TRP B 163 11.72 -10.31 -3.53
C TRP B 163 10.83 -9.82 -4.66
N THR B 164 10.49 -10.72 -5.57
CA THR B 164 9.44 -10.39 -6.52
C THR B 164 8.08 -10.40 -5.84
N ASP B 165 7.12 -9.68 -6.44
CA ASP B 165 5.74 -9.85 -6.02
C ASP B 165 5.28 -11.25 -6.37
N GLN B 166 4.25 -11.73 -5.67
CA GLN B 166 3.70 -13.04 -5.97
C GLN B 166 3.34 -13.13 -7.45
N ASP B 167 3.79 -14.20 -8.11
CA ASP B 167 3.60 -14.28 -9.55
C ASP B 167 2.13 -14.39 -9.93
N SER B 168 1.73 -13.65 -10.96
CA SER B 168 0.32 -13.57 -11.32
C SER B 168 -0.21 -14.86 -11.93
N LYS B 169 0.67 -15.75 -12.39
CA LYS B 169 0.23 -17.00 -13.01
C LYS B 169 0.46 -18.20 -12.11
N ASP B 170 1.65 -18.33 -11.52
CA ASP B 170 1.99 -19.54 -10.79
C ASP B 170 1.92 -19.39 -9.28
N SER B 171 1.63 -18.19 -8.78
CA SER B 171 1.43 -17.91 -7.35
C SER B 171 2.67 -18.16 -6.50
N THR B 172 3.85 -18.29 -7.11
CA THR B 172 5.07 -18.45 -6.33
C THR B 172 5.75 -17.12 -6.08
N TYR B 173 6.78 -17.17 -5.25
CA TYR B 173 7.67 -16.07 -4.98
C TYR B 173 9.07 -16.42 -5.46
N SER B 174 9.86 -15.39 -5.73
CA SER B 174 11.28 -15.57 -5.98
C SER B 174 12.05 -14.49 -5.23
N MET B 175 13.32 -14.76 -4.97
CA MET B 175 14.14 -13.87 -4.16
C MET B 175 15.56 -13.88 -4.69
N SER B 176 16.20 -12.72 -4.67
CA SER B 176 17.64 -12.63 -4.85
C SER B 176 18.25 -12.25 -3.51
N SER B 177 19.33 -12.93 -3.15
CA SER B 177 20.10 -12.59 -1.97
C SER B 177 21.52 -12.34 -2.43
N THR B 178 22.04 -11.14 -2.14
CA THR B 178 23.33 -10.72 -2.66
C THR B 178 24.24 -10.34 -1.50
N LEU B 179 25.36 -11.03 -1.39
CA LEU B 179 26.38 -10.71 -0.40
C LEU B 179 27.45 -9.85 -1.07
N THR B 180 27.61 -8.62 -0.60
CA THR B 180 28.63 -7.75 -1.17
C THR B 180 29.75 -7.55 -0.17
N LEU B 181 30.98 -7.73 -0.63
CA LEU B 181 32.16 -7.53 0.19
C LEU B 181 33.22 -6.86 -0.66
N THR B 182 34.33 -6.49 -0.05
CA THR B 182 35.39 -5.92 -0.86
C THR B 182 36.05 -7.01 -1.70
N LYS B 183 36.61 -6.62 -2.84
CA LYS B 183 37.36 -7.58 -3.62
C LYS B 183 38.51 -8.16 -2.81
N ASP B 184 39.18 -7.32 -2.01
CA ASP B 184 40.29 -7.82 -1.22
C ASP B 184 39.85 -8.92 -0.27
N GLU B 185 38.72 -8.70 0.41
CA GLU B 185 38.25 -9.77 1.31
C GLU B 185 37.83 -11.00 0.51
N TYR B 186 37.16 -10.79 -0.63
CA TYR B 186 36.69 -11.92 -1.43
C TYR B 186 37.85 -12.84 -1.82
N GLU B 187 38.99 -12.27 -2.19
CA GLU B 187 40.10 -13.09 -2.65
C GLU B 187 40.93 -13.67 -1.50
N ARG B 188 40.59 -13.36 -0.25
CA ARG B 188 41.24 -13.95 0.91
C ARG B 188 40.51 -15.19 1.43
N HIS B 189 39.43 -15.60 0.76
CA HIS B 189 38.65 -16.74 1.23
C HIS B 189 38.32 -17.64 0.06
N ASN B 190 38.01 -18.90 0.36
CA ASN B 190 37.70 -19.83 -0.71
C ASN B 190 36.25 -20.27 -0.74
N SER B 191 35.65 -20.59 0.41
CA SER B 191 34.31 -21.16 0.43
C SER B 191 33.25 -20.09 0.66
N TYR B 192 32.23 -20.10 -0.17
CA TYR B 192 31.09 -19.18 -0.07
C TYR B 192 29.82 -20.02 -0.11
N THR B 193 28.90 -19.74 0.82
CA THR B 193 27.72 -20.57 0.97
C THR B 193 26.51 -19.68 1.23
N CYS B 194 25.41 -19.96 0.53
CA CYS B 194 24.10 -19.45 0.92
C CYS B 194 23.19 -20.60 1.33
N GLU B 195 22.58 -20.48 2.50
CA GLU B 195 21.72 -21.53 3.04
C GLU B 195 20.30 -21.00 3.16
N ALA B 196 19.34 -21.72 2.59
CA ALA B 196 17.95 -21.28 2.57
C ALA B 196 17.09 -22.15 3.49
N THR B 197 16.56 -21.55 4.56
CA THR B 197 15.62 -22.23 5.44
C THR B 197 14.20 -21.98 4.92
N HIS B 198 13.46 -23.05 4.71
CA HIS B 198 12.12 -22.95 4.16
C HIS B 198 11.33 -24.16 4.62
N LYS B 199 10.02 -24.00 4.78
CA LYS B 199 9.23 -25.08 5.37
C LYS B 199 9.22 -26.36 4.54
N THR B 200 9.63 -26.30 3.28
CA THR B 200 9.63 -27.47 2.42
C THR B 200 10.77 -28.44 2.67
N SER B 201 11.70 -28.11 3.57
CA SER B 201 12.77 -29.04 3.89
C SER B 201 13.06 -28.95 5.38
N THR B 202 13.41 -30.10 5.97
CA THR B 202 13.70 -30.11 7.40
C THR B 202 15.02 -29.44 7.71
N SER B 203 15.96 -29.47 6.76
CA SER B 203 17.20 -28.72 6.85
C SER B 203 17.32 -27.78 5.65
N PRO B 204 18.06 -26.68 5.78
CA PRO B 204 18.15 -25.73 4.67
C PRO B 204 18.71 -26.34 3.39
N ILE B 205 18.32 -25.77 2.25
CA ILE B 205 19.03 -26.01 1.00
C ILE B 205 20.35 -25.25 1.04
N VAL B 206 21.45 -25.93 0.71
CA VAL B 206 22.79 -25.36 0.76
C VAL B 206 23.33 -25.28 -0.66
N LYS B 207 23.66 -24.07 -1.12
CA LYS B 207 24.49 -23.91 -2.31
C LYS B 207 25.81 -23.28 -1.91
N SER B 208 26.91 -23.85 -2.40
CA SER B 208 28.23 -23.41 -1.99
C SER B 208 29.18 -23.61 -3.17
N PHE B 209 30.22 -22.77 -3.23
CA PHE B 209 31.30 -23.02 -4.18
C PHE B 209 32.63 -22.70 -3.50
N ASN B 210 33.67 -23.32 -4.03
CA ASN B 210 35.05 -22.96 -3.71
C ASN B 210 35.57 -22.08 -4.83
N ARG B 211 36.00 -20.87 -4.45
CA ARG B 211 36.40 -19.84 -5.42
C ARG B 211 37.43 -20.34 -6.41
N ASN B 212 38.42 -21.11 -5.95
CA ASN B 212 39.53 -21.48 -6.81
C ASN B 212 39.34 -22.82 -7.52
N GLU B 213 38.13 -23.39 -7.50
CA GLU B 213 37.87 -24.69 -8.12
C GLU B 213 37.09 -24.56 -9.42
N CYS B 214 37.20 -25.60 -10.24
CA CYS B 214 36.41 -25.68 -11.46
C CYS B 214 36.05 -27.12 -11.77
N PCA C 1 -19.18 14.79 -11.81
CA PCA C 1 -18.55 13.78 -11.00
CB PCA C 1 -18.05 12.63 -11.87
CG PCA C 1 -17.93 13.19 -13.27
CD PCA C 1 -18.79 14.43 -13.18
OE PCA C 1 -19.11 15.07 -14.17
C PCA C 1 -17.34 14.34 -10.27
O PCA C 1 -16.48 14.97 -10.90
N ALA C 2 -17.26 14.10 -8.97
CA ALA C 2 -16.14 14.57 -8.17
C ALA C 2 -14.82 14.00 -8.68
N GLN C 3 -13.81 14.86 -8.87
CA GLN C 3 -12.49 14.44 -9.30
C GLN C 3 -11.43 15.29 -8.62
N LEU C 4 -10.32 14.65 -8.26
CA LEU C 4 -9.14 15.33 -7.74
C LEU C 4 -7.97 15.00 -8.65
N GLN C 5 -7.31 16.02 -9.19
CA GLN C 5 -6.17 15.84 -10.10
C GLN C 5 -4.92 16.37 -9.44
N GLN C 6 -3.89 15.55 -9.36
CA GLN C 6 -2.65 15.94 -8.70
C GLN C 6 -1.56 16.29 -9.69
N SER C 7 -0.66 17.17 -9.25
CA SER C 7 0.53 17.49 -10.01
C SER C 7 1.63 17.88 -9.04
N GLY C 8 2.87 17.83 -9.52
CA GLY C 8 3.99 18.24 -8.70
C GLY C 8 5.27 17.61 -9.17
N THR C 9 6.37 18.23 -8.75
CA THR C 9 7.71 17.77 -9.10
C THR C 9 7.96 16.38 -8.52
N GLY C 10 8.57 15.51 -9.32
CA GLY C 10 8.79 14.14 -8.91
C GLY C 10 10.19 13.87 -8.39
N LEU C 11 11.15 14.76 -8.63
CA LEU C 11 12.52 14.52 -8.23
C LEU C 11 13.07 15.77 -7.59
N ALA C 12 13.67 15.63 -6.41
CA ALA C 12 14.17 16.76 -5.64
C ALA C 12 15.47 16.36 -4.96
N ARG C 13 16.30 17.37 -4.69
CA ARG C 13 17.53 17.17 -3.94
C ARG C 13 17.26 17.42 -2.46
N PRO C 14 18.04 16.81 -1.58
CA PRO C 14 17.88 17.08 -0.15
C PRO C 14 17.99 18.57 0.11
N GLY C 15 17.11 19.06 0.98
CA GLY C 15 17.02 20.48 1.29
C GLY C 15 15.99 21.23 0.49
N ALA C 16 15.49 20.66 -0.60
CA ALA C 16 14.55 21.37 -1.45
C ALA C 16 13.17 21.45 -0.80
N SER C 17 12.37 22.37 -1.30
CA SER C 17 10.94 22.43 -1.02
C SER C 17 10.20 22.12 -2.31
N VAL C 18 9.10 21.40 -2.20
CA VAL C 18 8.22 21.16 -3.33
C VAL C 18 6.79 21.48 -2.95
N LYS C 19 6.05 22.08 -3.87
CA LYS C 19 4.65 22.38 -3.65
C LYS C 19 3.83 21.44 -4.53
N LEU C 20 3.06 20.57 -3.88
CA LEU C 20 2.18 19.63 -4.58
C LEU C 20 0.79 20.25 -4.70
N SER C 21 0.14 19.99 -5.84
CA SER C 21 -1.18 20.54 -6.13
C SER C 21 -2.23 19.45 -6.23
N CYS C 22 -3.45 19.81 -5.84
CA CYS C 22 -4.61 18.91 -5.87
C CYS C 22 -5.76 19.77 -6.37
N LYS C 23 -6.13 19.60 -7.63
CA LYS C 23 -7.16 20.42 -8.26
C LYS C 23 -8.49 19.66 -8.23
N ALA C 24 -9.49 20.25 -7.58
CA ALA C 24 -10.79 19.62 -7.40
C ALA C 24 -11.78 20.12 -8.45
N SER C 25 -12.68 19.24 -8.85
CA SER C 25 -13.79 19.63 -9.71
C SER C 25 -14.95 18.67 -9.49
N GLY C 26 -16.13 19.10 -9.94
CA GLY C 26 -17.29 18.21 -9.93
C GLY C 26 -18.07 18.14 -8.64
N TYR C 27 -17.73 18.96 -7.66
CA TYR C 27 -18.48 19.05 -6.41
C TYR C 27 -18.18 20.42 -5.80
N THR C 28 -18.86 20.74 -4.71
CA THR C 28 -18.64 22.02 -4.06
C THR C 28 -17.44 21.94 -3.11
N PHE C 29 -16.34 22.58 -3.51
CA PHE C 29 -15.07 22.47 -2.81
C PHE C 29 -15.19 22.86 -1.34
N THR C 30 -16.03 23.85 -1.05
CA THR C 30 -16.16 24.38 0.30
C THR C 30 -17.12 23.58 1.19
N SER C 31 -17.60 22.42 0.73
CA SER C 31 -18.45 21.58 1.56
C SER C 31 -17.69 20.47 2.26
N TYR C 32 -16.43 20.24 1.88
CA TYR C 32 -15.66 19.13 2.43
C TYR C 32 -14.22 19.59 2.65
N GLY C 33 -13.52 18.83 3.49
CA GLY C 33 -12.08 19.03 3.61
C GLY C 33 -11.30 18.31 2.52
N ILE C 34 -10.01 18.62 2.44
CA ILE C 34 -9.05 17.90 1.62
C ILE C 34 -7.94 17.47 2.55
N SER C 35 -7.66 16.17 2.58
CA SER C 35 -6.51 15.71 3.35
C SER C 35 -5.42 15.24 2.42
N TRP C 36 -4.25 15.08 3.00
CA TRP C 36 -3.09 14.54 2.32
C TRP C 36 -2.61 13.30 3.05
N VAL C 37 -2.19 12.31 2.28
CA VAL C 37 -1.80 11.00 2.79
C VAL C 37 -0.51 10.60 2.11
N THR C 38 0.41 10.03 2.87
CA THR C 38 1.66 9.60 2.28
C THR C 38 1.85 8.10 2.42
N GLN C 39 2.54 7.52 1.46
CA GLN C 39 2.78 6.09 1.44
C GLN C 39 4.21 5.85 0.98
N ARG C 40 5.07 5.44 1.90
CA ARG C 40 6.41 5.01 1.53
C ARG C 40 6.32 3.73 0.71
N ALA C 41 7.30 3.52 -0.15
CA ALA C 41 7.29 2.37 -1.05
C ALA C 41 7.19 1.07 -0.25
N GLY C 42 6.16 0.27 -0.57
CA GLY C 42 5.95 -0.98 0.11
C GLY C 42 5.40 -0.86 1.52
N GLN C 43 5.08 0.34 1.97
CA GLN C 43 4.67 0.59 3.34
C GLN C 43 3.20 1.05 3.38
N GLY C 44 2.75 1.41 4.59
CA GLY C 44 1.35 1.75 4.81
C GLY C 44 1.02 3.20 4.51
N LEU C 45 -0.27 3.50 4.63
CA LEU C 45 -0.75 4.87 4.48
C LEU C 45 -0.57 5.64 5.79
N GLU C 46 -0.22 6.93 5.67
CA GLU C 46 -0.10 7.80 6.82
C GLU C 46 -0.79 9.12 6.53
N TRP C 47 -1.66 9.54 7.45
CA TRP C 47 -2.45 10.76 7.29
C TRP C 47 -1.61 11.96 7.74
N ILE C 48 -1.42 12.92 6.85
CA ILE C 48 -0.57 14.08 7.12
C ILE C 48 -1.35 15.19 7.80
N GLY C 49 -2.51 15.52 7.26
CA GLY C 49 -3.31 16.61 7.76
C GLY C 49 -4.47 16.88 6.82
N VAL C 50 -5.29 17.86 7.21
CA VAL C 50 -6.47 18.23 6.44
C VAL C 50 -6.60 19.74 6.45
N ILE C 51 -7.13 20.28 5.34
CA ILE C 51 -7.58 21.67 5.29
C ILE C 51 -9.04 21.68 4.91
N TYR C 52 -9.81 22.59 5.52
CA TYR C 52 -11.21 22.79 5.14
C TYR C 52 -11.30 24.10 4.39
N PRO C 53 -11.40 24.07 3.05
CA PRO C 53 -11.34 25.31 2.28
C PRO C 53 -12.39 26.34 2.64
N ARG C 54 -13.52 25.94 3.21
CA ARG C 54 -14.52 26.95 3.56
C ARG C 54 -13.95 27.98 4.53
N SER C 55 -13.17 27.54 5.51
CA SER C 55 -12.63 28.42 6.53
C SER C 55 -11.12 28.61 6.44
N GLY C 56 -10.43 27.72 5.74
CA GLY C 56 -8.98 27.65 5.83
C GLY C 56 -8.46 26.90 7.03
N ASN C 57 -9.32 26.35 7.88
CA ASN C 57 -8.85 25.65 9.07
C ASN C 57 -8.03 24.45 8.65
N THR C 58 -6.95 24.20 9.38
CA THR C 58 -6.09 23.06 9.13
C THR C 58 -5.86 22.30 10.43
N TYR C 59 -5.63 21.00 10.29
CA TYR C 59 -5.29 20.13 11.41
C TYR C 59 -4.19 19.21 10.94
N TYR C 60 -3.08 19.17 11.68
CA TYR C 60 -1.93 18.38 11.26
C TYR C 60 -1.70 17.21 12.21
N ASN C 61 -1.26 16.10 11.62
CA ASN C 61 -0.57 15.07 12.38
C ASN C 61 0.74 15.67 12.88
N GLU C 62 0.98 15.56 14.19
CA GLU C 62 2.17 16.20 14.75
C GLU C 62 3.45 15.71 14.10
N LYS C 63 3.44 14.49 13.55
CA LYS C 63 4.63 13.96 12.89
C LYS C 63 5.02 14.76 11.65
N PHE C 64 4.09 15.53 11.09
CA PHE C 64 4.33 16.27 9.86
C PHE C 64 4.33 17.77 10.05
N ARG C 65 4.22 18.25 11.29
CA ARG C 65 4.31 19.68 11.54
C ARG C 65 5.61 20.23 10.93
N GLY C 66 5.47 21.32 10.20
CA GLY C 66 6.65 21.99 9.63
C GLY C 66 7.13 21.35 8.35
N LYS C 67 7.24 20.03 8.35
CA LYS C 67 7.54 19.30 7.11
C LYS C 67 6.52 19.62 6.04
N ALA C 68 5.24 19.63 6.40
CA ALA C 68 4.14 19.84 5.48
C ALA C 68 3.36 21.09 5.87
N THR C 69 2.98 21.88 4.87
CA THR C 69 2.11 23.04 5.09
C THR C 69 0.98 22.96 4.08
N LEU C 70 -0.26 22.95 4.58
CA LEU C 70 -1.44 22.83 3.73
C LEU C 70 -2.06 24.20 3.52
N THR C 71 -2.42 24.49 2.27
CA THR C 71 -3.13 25.70 1.91
C THR C 71 -4.21 25.36 0.89
N ALA C 72 -5.09 26.32 0.65
CA ALA C 72 -6.14 26.09 -0.32
C ALA C 72 -6.55 27.42 -0.93
N ASP C 73 -7.07 27.37 -2.15
CA ASP C 73 -7.51 28.54 -2.89
C ASP C 73 -8.96 28.29 -3.31
N LYS C 74 -9.90 28.93 -2.59
CA LYS C 74 -11.32 28.77 -2.87
C LYS C 74 -11.66 29.23 -4.27
N SER C 75 -10.94 30.23 -4.77
CA SER C 75 -11.31 30.84 -6.04
C SER C 75 -11.19 29.85 -7.18
N SER C 76 -10.28 28.88 -7.06
CA SER C 76 -10.01 27.91 -8.10
C SER C 76 -10.28 26.48 -7.69
N SER C 77 -10.74 26.24 -6.47
CA SER C 77 -10.94 24.89 -5.96
C SER C 77 -9.66 24.06 -6.02
N SER C 78 -8.58 24.64 -5.51
CA SER C 78 -7.27 23.98 -5.49
C SER C 78 -6.76 23.88 -4.06
N ALA C 79 -6.15 22.75 -3.73
CA ALA C 79 -5.47 22.57 -2.46
C ALA C 79 -4.00 22.28 -2.74
N TYR C 80 -3.14 22.69 -1.81
CA TYR C 80 -1.70 22.57 -2.00
C TYR C 80 -1.06 22.05 -0.73
N MET C 81 0.02 21.29 -0.89
CA MET C 81 0.85 20.89 0.23
C MET C 81 2.29 21.21 -0.12
N GLU C 82 2.91 22.04 0.69
CA GLU C 82 4.31 22.37 0.53
C GLU C 82 5.13 21.50 1.47
N LEU C 83 6.02 20.70 0.90
CA LEU C 83 6.92 19.83 1.66
C LEU C 83 8.28 20.51 1.69
N ARG C 84 8.79 20.77 2.89
CA ARG C 84 10.01 21.53 3.06
C ARG C 84 11.15 20.65 3.56
N GLY C 85 12.37 21.17 3.37
CA GLY C 85 13.56 20.53 3.90
C GLY C 85 13.65 19.05 3.56
N LEU C 86 13.48 18.74 2.28
CA LEU C 86 13.31 17.34 1.92
C LEU C 86 14.56 16.53 2.26
N THR C 87 14.33 15.29 2.69
CA THR C 87 15.40 14.32 2.90
C THR C 87 15.02 13.06 2.16
N ALA C 88 16.00 12.15 2.04
CA ALA C 88 15.73 10.89 1.34
C ALA C 88 14.54 10.17 1.95
N GLU C 89 14.36 10.28 3.26
CA GLU C 89 13.25 9.62 3.96
C GLU C 89 11.89 10.20 3.59
N ASP C 90 11.85 11.36 2.94
CA ASP C 90 10.58 11.90 2.45
C ASP C 90 10.19 11.33 1.09
N SER C 91 11.03 10.48 0.49
CA SER C 91 10.66 9.85 -0.77
C SER C 91 9.47 8.95 -0.53
N ALA C 92 8.40 9.15 -1.30
CA ALA C 92 7.13 8.48 -1.04
C ALA C 92 6.16 8.88 -2.14
N VAL C 93 5.02 8.19 -2.17
CA VAL C 93 3.86 8.67 -2.91
C VAL C 93 3.03 9.53 -1.98
N TYR C 94 2.56 10.65 -2.50
CA TYR C 94 1.71 11.56 -1.75
C TYR C 94 0.38 11.65 -2.48
N PHE C 95 -0.70 11.43 -1.76
CA PHE C 95 -2.06 11.54 -2.29
C PHE C 95 -2.77 12.71 -1.63
N CYS C 96 -3.70 13.31 -2.37
CA CYS C 96 -4.75 14.08 -1.72
C CYS C 96 -6.04 13.28 -1.78
N ALA C 97 -6.93 13.58 -0.85
CA ALA C 97 -8.18 12.85 -0.73
C ALA C 97 -9.24 13.79 -0.21
N ARG C 98 -10.46 13.63 -0.69
CA ARG C 98 -11.54 14.40 -0.08
C ARG C 98 -11.88 13.80 1.27
N GLU C 99 -12.13 14.67 2.26
CA GLU C 99 -12.47 14.20 3.60
C GLU C 99 -13.98 14.09 3.75
N ASN C 100 -14.45 12.89 4.09
CA ASN C 100 -15.87 12.70 4.32
C ASN C 100 -16.14 11.44 5.14
N TYR C 101 -15.42 11.28 6.26
CA TYR C 101 -15.52 10.08 7.10
C TYR C 101 -15.42 8.80 6.26
N GLY C 102 -14.38 8.73 5.45
CA GLY C 102 -14.16 7.62 4.55
C GLY C 102 -13.99 8.16 3.15
N SER C 103 -12.75 8.28 2.69
CA SER C 103 -12.47 9.03 1.47
C SER C 103 -12.81 8.17 0.27
N VAL C 104 -13.82 8.60 -0.50
CA VAL C 104 -14.13 7.95 -1.76
C VAL C 104 -13.25 8.50 -2.86
N TYR C 105 -13.04 9.82 -2.87
CA TYR C 105 -12.39 10.51 -3.98
C TYR C 105 -10.96 10.83 -3.59
N TRP C 106 -10.02 10.35 -4.40
CA TRP C 106 -8.60 10.52 -4.17
C TRP C 106 -7.96 11.04 -5.44
N GLY C 107 -6.88 11.80 -5.28
CA GLY C 107 -6.00 12.05 -6.40
C GLY C 107 -5.29 10.78 -6.83
N GLN C 108 -4.60 10.87 -7.96
CA GLN C 108 -3.91 9.69 -8.49
C GLN C 108 -2.57 9.43 -7.81
N GLY C 109 -2.11 10.33 -6.97
CA GLY C 109 -0.82 10.21 -6.31
C GLY C 109 0.31 10.84 -7.09
N THR C 110 1.24 11.48 -6.37
CA THR C 110 2.48 11.99 -6.94
C THR C 110 3.62 11.24 -6.29
N THR C 111 4.52 10.69 -7.10
CA THR C 111 5.70 10.01 -6.57
C THR C 111 6.85 11.01 -6.48
N LEU C 112 7.35 11.21 -5.26
CA LEU C 112 8.46 12.12 -5.00
C LEU C 112 9.68 11.28 -4.63
N THR C 113 10.77 11.47 -5.36
CA THR C 113 12.05 10.86 -5.05
C THR C 113 13.00 11.98 -4.63
N VAL C 114 13.60 11.84 -3.45
CA VAL C 114 14.54 12.83 -2.92
C VAL C 114 15.90 12.16 -2.88
N SER C 115 16.86 12.71 -3.61
CA SER C 115 18.18 12.09 -3.67
C SER C 115 19.21 13.13 -4.06
N SER C 116 20.42 12.98 -3.53
CA SER C 116 21.54 13.80 -3.95
C SER C 116 22.38 13.12 -5.03
N ALA C 117 21.99 11.92 -5.45
CA ALA C 117 22.76 11.22 -6.47
C ALA C 117 22.69 11.93 -7.81
N LYS C 118 23.77 11.85 -8.57
CA LYS C 118 23.71 12.35 -9.93
C LYS C 118 23.43 11.21 -10.89
N THR C 119 22.95 11.57 -12.08
CA THR C 119 22.64 10.57 -13.09
C THR C 119 23.87 9.71 -13.34
N THR C 120 23.69 8.40 -13.21
CA THR C 120 24.79 7.44 -13.28
C THR C 120 24.31 6.21 -14.02
N ALA C 121 24.99 5.88 -15.12
CA ALA C 121 24.66 4.67 -15.87
C ALA C 121 25.05 3.43 -15.06
N PRO C 122 24.31 2.34 -15.19
CA PRO C 122 24.64 1.14 -14.42
C PRO C 122 25.89 0.43 -14.92
N SER C 123 26.54 -0.25 -13.99
CA SER C 123 27.48 -1.31 -14.35
C SER C 123 26.66 -2.58 -14.53
N VAL C 124 26.90 -3.31 -15.60
CA VAL C 124 26.12 -4.49 -15.95
C VAL C 124 27.05 -5.68 -16.00
N TYR C 125 26.78 -6.68 -15.17
CA TYR C 125 27.70 -7.80 -15.01
C TYR C 125 27.00 -9.10 -15.40
N PRO C 126 27.55 -9.85 -16.36
CA PRO C 126 26.98 -11.17 -16.67
C PRO C 126 27.36 -12.17 -15.59
N LEU C 127 26.39 -13.00 -15.19
CA LEU C 127 26.61 -14.01 -14.15
C LEU C 127 26.45 -15.41 -14.75
N ALA C 128 27.57 -16.03 -15.08
CA ALA C 128 27.56 -17.40 -15.53
C ALA C 128 27.53 -18.33 -14.33
N PRO C 129 27.12 -19.59 -14.52
CA PRO C 129 27.12 -20.53 -13.39
C PRO C 129 28.51 -20.74 -12.83
N VAL C 130 28.55 -21.38 -11.66
CA VAL C 130 29.83 -21.77 -11.06
C VAL C 130 30.70 -22.48 -12.09
N CYS C 131 32.02 -22.28 -11.98
CA CYS C 131 32.95 -22.86 -12.94
C CYS C 131 32.80 -24.37 -12.96
N GLY C 132 32.72 -24.93 -14.16
CA GLY C 132 32.48 -26.35 -14.32
C GLY C 132 31.02 -26.71 -14.47
N GLY C 133 30.14 -25.73 -14.35
CA GLY C 133 28.73 -25.96 -14.60
C GLY C 133 28.01 -26.64 -13.45
N THR C 134 26.71 -26.82 -13.66
CA THR C 134 25.82 -27.39 -12.66
C THR C 134 25.23 -28.69 -13.18
N THR C 135 24.80 -29.53 -12.26
CA THR C 135 24.06 -30.71 -12.65
C THR C 135 22.61 -30.35 -12.94
N GLY C 136 21.94 -31.22 -13.65
CA GLY C 136 20.52 -31.04 -13.91
C GLY C 136 20.22 -30.63 -15.33
N SER C 137 18.94 -30.74 -15.66
CA SER C 137 18.47 -30.57 -17.03
C SER C 137 18.19 -29.12 -17.38
N SER C 138 18.19 -28.22 -16.40
CA SER C 138 18.06 -26.81 -16.66
C SER C 138 19.24 -26.06 -16.05
N VAL C 139 19.44 -24.85 -16.53
CA VAL C 139 20.56 -24.02 -16.09
C VAL C 139 20.04 -22.60 -15.86
N THR C 140 20.56 -21.95 -14.83
CA THR C 140 20.14 -20.60 -14.48
C THR C 140 21.33 -19.66 -14.67
N LEU C 141 21.08 -18.55 -15.36
CA LEU C 141 22.06 -17.49 -15.60
C LEU C 141 21.55 -16.22 -14.92
N GLY C 142 22.47 -15.29 -14.70
CA GLY C 142 22.11 -14.07 -14.00
C GLY C 142 22.70 -12.85 -14.68
N CYS C 143 22.16 -11.70 -14.29
CA CYS C 143 22.66 -10.41 -14.75
C CYS C 143 22.50 -9.46 -13.57
N LEU C 144 23.61 -8.83 -13.20
CA LEU C 144 23.65 -7.93 -12.04
C LEU C 144 23.83 -6.52 -12.55
N VAL C 145 22.94 -5.62 -12.13
CA VAL C 145 22.90 -4.24 -12.62
C VAL C 145 23.14 -3.36 -11.41
N LYS C 146 24.31 -2.72 -11.35
CA LYS C 146 24.73 -2.11 -10.09
C LYS C 146 25.08 -0.64 -10.27
N GLY C 147 24.67 0.18 -9.31
CA GLY C 147 25.16 1.55 -9.23
C GLY C 147 24.57 2.56 -10.19
N TYR C 148 23.25 2.53 -10.41
CA TYR C 148 22.64 3.48 -11.33
C TYR C 148 21.71 4.45 -10.62
N PHE C 149 21.47 5.58 -11.27
CA PHE C 149 20.51 6.56 -10.80
C PHE C 149 20.12 7.43 -11.99
N PRO C 150 18.84 7.80 -12.12
CA PRO C 150 17.66 7.39 -11.35
C PRO C 150 17.09 6.07 -11.87
N GLU C 151 16.05 5.56 -11.21
CA GLU C 151 15.22 4.53 -11.81
C GLU C 151 14.48 5.15 -12.97
N PRO C 152 14.03 4.33 -13.95
CA PRO C 152 14.20 2.88 -14.04
C PRO C 152 15.29 2.47 -15.00
N VAL C 153 15.60 1.18 -14.99
CA VAL C 153 16.25 0.52 -16.11
C VAL C 153 15.24 -0.43 -16.73
N THR C 154 15.51 -0.82 -17.96
CA THR C 154 14.76 -1.89 -18.61
C THR C 154 15.74 -3.01 -18.93
N LEU C 155 15.55 -4.15 -18.30
CA LEU C 155 16.38 -5.33 -18.52
C LEU C 155 15.61 -6.33 -19.35
N THR C 156 16.25 -6.84 -20.40
CA THR C 156 15.71 -7.91 -21.21
C THR C 156 16.77 -8.98 -21.39
N TRP C 157 16.32 -10.12 -21.88
CA TRP C 157 17.19 -11.23 -22.26
C TRP C 157 16.99 -11.53 -23.74
N ASN C 158 18.09 -11.62 -24.47
CA ASN C 158 18.05 -11.82 -25.92
C ASN C 158 17.09 -10.83 -26.58
N SER C 159 17.19 -9.57 -26.18
CA SER C 159 16.41 -8.47 -26.78
C SER C 159 14.90 -8.68 -26.63
N GLY C 160 14.50 -9.38 -25.57
CA GLY C 160 13.10 -9.65 -25.30
C GLY C 160 12.58 -10.95 -25.89
N SER C 161 13.39 -11.63 -26.70
CA SER C 161 12.94 -12.91 -27.26
C SER C 161 12.97 -14.02 -26.24
N LEU C 162 13.74 -13.85 -25.17
CA LEU C 162 13.76 -14.80 -24.06
C LEU C 162 13.03 -14.11 -22.91
N SER C 163 11.76 -14.46 -22.73
CA SER C 163 10.93 -13.84 -21.71
C SER C 163 10.38 -14.81 -20.68
N SER C 164 10.24 -16.09 -21.03
CA SER C 164 9.80 -17.08 -20.07
C SER C 164 10.98 -17.48 -19.18
N GLY C 165 10.66 -17.93 -17.97
CA GLY C 165 11.69 -18.38 -17.08
C GLY C 165 12.56 -17.29 -16.50
N VAL C 166 12.12 -16.03 -16.57
CA VAL C 166 12.89 -14.87 -16.11
C VAL C 166 12.33 -14.39 -14.78
N HIS C 167 13.22 -14.00 -13.88
CA HIS C 167 12.84 -13.29 -12.66
C HIS C 167 13.69 -12.03 -12.56
N THR C 168 13.05 -10.87 -12.65
CA THR C 168 13.77 -9.60 -12.51
C THR C 168 13.33 -8.94 -11.22
N PHE C 169 14.27 -8.73 -10.35
CA PHE C 169 13.95 -8.36 -8.98
C PHE C 169 13.86 -6.84 -8.82
N PRO C 170 13.05 -6.38 -7.87
CA PRO C 170 12.95 -4.95 -7.62
C PRO C 170 14.30 -4.38 -7.21
N ALA C 171 14.56 -3.16 -7.67
CA ALA C 171 15.79 -2.47 -7.34
C ALA C 171 15.81 -2.05 -5.87
N LEU C 172 17.01 -2.06 -5.29
CA LEU C 172 17.23 -1.57 -3.94
C LEU C 172 18.34 -0.53 -3.94
N LEU C 173 18.30 0.37 -2.97
CA LEU C 173 19.34 1.38 -2.84
C LEU C 173 20.56 0.79 -2.15
N GLN C 174 21.73 1.17 -2.64
CA GLN C 174 23.01 0.72 -2.11
C GLN C 174 23.91 1.96 -2.15
N SER C 175 24.01 2.66 -1.02
CA SER C 175 24.79 3.89 -0.90
C SER C 175 24.35 4.95 -1.91
N GLY C 176 23.04 5.14 -2.00
CA GLY C 176 22.48 6.16 -2.86
C GLY C 176 22.30 5.78 -4.30
N LEU C 177 22.75 4.60 -4.72
CA LEU C 177 22.57 4.16 -6.09
C LEU C 177 21.79 2.85 -6.10
N TYR C 178 21.06 2.62 -7.18
CA TYR C 178 20.21 1.46 -7.30
C TYR C 178 20.97 0.26 -7.83
N THR C 179 20.54 -0.92 -7.37
CA THR C 179 21.03 -2.20 -7.86
C THR C 179 19.85 -3.13 -8.04
N LEU C 180 19.86 -3.89 -9.13
CA LEU C 180 18.90 -4.98 -9.28
C LEU C 180 19.61 -6.12 -9.97
N SER C 181 18.92 -7.26 -10.00
CA SER C 181 19.45 -8.39 -10.73
C SER C 181 18.30 -9.11 -11.40
N SER C 182 18.67 -9.98 -12.34
CA SER C 182 17.69 -10.80 -13.02
C SER C 182 18.28 -12.18 -13.23
N SER C 183 17.43 -13.19 -13.15
CA SER C 183 17.81 -14.56 -13.48
C SER C 183 16.98 -15.03 -14.67
N VAL C 184 17.59 -15.90 -15.46
CA VAL C 184 16.85 -16.60 -16.51
C VAL C 184 17.20 -18.08 -16.43
N THR C 185 16.19 -18.93 -16.59
CA THR C 185 16.37 -20.37 -16.52
C THR C 185 15.95 -20.97 -17.84
N VAL C 186 16.82 -21.78 -18.43
CA VAL C 186 16.56 -22.43 -19.71
C VAL C 186 16.96 -23.89 -19.57
N THR C 187 16.45 -24.72 -20.48
CA THR C 187 16.93 -26.10 -20.50
C THR C 187 18.40 -26.14 -20.94
N SER C 188 19.15 -27.11 -20.40
CA SER C 188 20.59 -27.11 -20.56
C SER C 188 21.07 -27.34 -21.99
N ASN C 189 20.22 -27.89 -22.86
CA ASN C 189 20.55 -28.01 -24.28
C ASN C 189 20.58 -26.67 -25.00
N THR C 190 20.06 -25.62 -24.37
CA THR C 190 19.93 -24.30 -24.98
C THR C 190 21.16 -23.43 -24.75
N TRP C 191 21.87 -23.64 -23.63
CA TRP C 191 23.00 -22.79 -23.26
C TRP C 191 24.07 -23.67 -22.63
N PRO C 192 25.36 -23.46 -22.98
CA PRO C 192 25.90 -22.36 -23.78
C PRO C 192 25.91 -22.58 -25.29
N SER C 193 25.29 -23.66 -25.78
CA SER C 193 25.36 -23.92 -27.22
C SER C 193 24.70 -22.80 -28.03
N GLN C 194 23.70 -22.14 -27.46
CA GLN C 194 23.13 -20.94 -28.07
C GLN C 194 23.35 -19.76 -27.14
N THR C 195 23.44 -18.58 -27.72
CA THR C 195 23.86 -17.43 -26.93
C THR C 195 22.70 -16.89 -26.12
N ILE C 196 23.02 -16.42 -24.91
CA ILE C 196 22.09 -15.68 -24.08
C ILE C 196 22.79 -14.40 -23.64
N THR C 197 22.12 -13.27 -23.84
CA THR C 197 22.70 -11.96 -23.58
C THR C 197 21.70 -11.17 -22.75
N CYS C 198 22.18 -10.52 -21.70
CA CYS C 198 21.42 -9.56 -20.92
CA CYS C 198 21.33 -9.59 -21.01
C CYS C 198 21.55 -8.19 -21.57
N ASN C 199 20.42 -7.50 -21.77
CA ASN C 199 20.41 -6.14 -22.31
C ASN C 199 19.84 -5.21 -21.26
N VAL C 200 20.52 -4.10 -21.01
CA VAL C 200 20.08 -3.16 -19.99
C VAL C 200 20.05 -1.77 -20.57
N ALA C 201 18.87 -1.18 -20.66
CA ALA C 201 18.68 0.19 -21.10
C ALA C 201 18.48 1.07 -19.88
N HIS C 202 19.17 2.21 -19.85
CA HIS C 202 18.99 3.21 -18.80
C HIS C 202 18.64 4.52 -19.45
N PRO C 203 17.35 4.84 -19.59
CA PRO C 203 16.95 6.04 -20.37
C PRO C 203 17.62 7.32 -19.92
N ALA C 204 17.79 7.50 -18.61
CA ALA C 204 18.27 8.78 -18.09
C ALA C 204 19.69 9.08 -18.53
N SER C 205 20.52 8.06 -18.70
CA SER C 205 21.87 8.23 -19.22
C SER C 205 21.97 7.93 -20.70
N SER C 206 20.84 7.60 -21.35
CA SER C 206 20.80 7.27 -22.78
C SER C 206 21.68 6.09 -23.14
N THR C 207 21.86 5.15 -22.21
CA THR C 207 22.74 4.02 -22.42
C THR C 207 21.95 2.74 -22.66
N LYS C 208 22.57 1.85 -23.43
CA LYS C 208 22.03 0.51 -23.69
C LYS C 208 23.25 -0.40 -23.78
N VAL C 209 23.34 -1.37 -22.87
CA VAL C 209 24.51 -2.24 -22.78
C VAL C 209 24.07 -3.68 -22.93
N ASP C 210 24.87 -4.46 -23.65
CA ASP C 210 24.64 -5.89 -23.83
C ASP C 210 25.80 -6.66 -23.20
N LYS C 211 25.48 -7.68 -22.42
CA LYS C 211 26.49 -8.56 -21.85
C LYS C 211 26.12 -10.00 -22.15
N LYS C 212 26.90 -10.65 -23.01
CA LYS C 212 26.71 -12.07 -23.30
C LYS C 212 27.18 -12.90 -22.10
N ILE C 213 26.40 -13.90 -21.72
CA ILE C 213 26.82 -14.78 -20.63
C ILE C 213 27.79 -15.81 -21.18
N GLU C 214 29.00 -15.85 -20.64
CA GLU C 214 30.05 -16.75 -21.10
C GLU C 214 30.44 -17.71 -19.99
N PRO C 215 30.51 -19.02 -20.25
CA PRO C 215 30.96 -19.97 -19.22
C PRO C 215 32.27 -19.52 -18.58
N ARG C 216 32.35 -19.72 -17.27
CA ARG C 216 33.57 -19.43 -16.56
C ARG C 216 34.64 -20.46 -16.90
N VAL C 217 35.89 -20.04 -16.75
CA VAL C 217 37.04 -20.93 -16.96
C VAL C 217 37.90 -20.88 -15.71
N PRO C 218 38.80 -21.85 -15.53
CA PRO C 218 39.66 -21.86 -14.35
C PRO C 218 40.60 -20.65 -14.33
N ILE C 219 41.23 -20.46 -13.17
CA ILE C 219 42.20 -19.38 -13.00
C ILE C 219 43.47 -19.65 -13.81
CL CL D . 20.45 -9.69 -27.58
CL CL E . -15.08 11.47 -0.34
#